data_7CWG
#
_entry.id   7CWG
#
_cell.length_a   75.797
_cell.length_b   131.832
_cell.length_c   101.335
_cell.angle_alpha   90.00
_cell.angle_beta   90.00
_cell.angle_gamma   90.00
#
_symmetry.space_group_name_H-M   'C 2 2 21'
#
loop_
_entity.id
_entity.type
_entity.pdbx_description
1 polymer "High affinity cAMP-specific and IBMX-insensitive 3',5'-cyclic phosphodiesterase 8A"
2 non-polymer 'ZINC ION'
3 non-polymer 'MAGNESIUM ION'
4 non-polymer 9-[(1~{S})-1-[4-[2,2-bis(fluoranyl)ethoxy]pyridin-2-yl]ethyl]-2-chloranyl-purin-6-amine
5 water water
#
_entity_poly.entity_id   1
_entity_poly.type   'polypeptide(L)'
_entity_poly.pdbx_seq_one_letter_code
;DDVPPRIARAMENEEYWDFDIFELEAATHNRPLIYLGLKMFARFGICEFLHCSESTLRSWLQIIEANYHSSNPYHNSTHS
ADVLHATAYFLSKERIKETLDPIDEVAALIAATIHDVDHPGRTNSFLCNAGSELAILYNDTAVLESHHAALAFQLTTGDD
KCNIFKNMERNDYRTLRQGIIDMVLATEMTKHFEHVNKFVNSINKPLATLEENGETDKNQEVINTMLRTPENRTLIKRML
IKCADVSNPCRPLQYCIEWAARISEEYFSQTDEEKQQGLPVVMPVFDRNTCSIPKSQISFIDYFITDMFDAWDAFVDLPD
LMQHLDNNFKYWKGLDEM
;
_entity_poly.pdbx_strand_id   A
#
# COMPACT_ATOMS: atom_id res chain seq x y z
N ASP A 1 -20.64 -13.46 -3.98
CA ASP A 1 -21.85 -14.26 -4.31
C ASP A 1 -23.11 -13.40 -4.31
N ASP A 2 -23.56 -12.98 -3.13
CA ASP A 2 -24.73 -12.09 -2.99
C ASP A 2 -24.28 -10.65 -3.23
N VAL A 3 -24.13 -10.30 -4.51
CA VAL A 3 -23.57 -9.02 -4.93
C VAL A 3 -24.60 -8.30 -5.82
N PRO A 4 -24.97 -7.05 -5.46
CA PRO A 4 -25.83 -6.21 -6.32
C PRO A 4 -25.25 -5.94 -7.73
N PRO A 5 -26.07 -5.43 -8.67
CA PRO A 5 -25.64 -5.27 -10.07
C PRO A 5 -24.54 -4.23 -10.32
N ARG A 6 -24.80 -2.97 -9.96
CA ARG A 6 -23.86 -1.85 -10.19
C ARG A 6 -22.49 -2.12 -9.57
N ILE A 7 -22.49 -2.65 -8.35
CA ILE A 7 -21.26 -2.99 -7.63
C ILE A 7 -20.57 -4.22 -8.27
N ALA A 8 -21.35 -5.21 -8.73
CA ALA A 8 -20.79 -6.35 -9.47
C ALA A 8 -20.09 -5.92 -10.76
N ARG A 9 -20.74 -5.02 -11.51
CA ARG A 9 -20.14 -4.43 -12.71
C ARG A 9 -18.96 -3.50 -12.41
N ALA A 10 -19.01 -2.83 -11.26
CA ALA A 10 -17.90 -1.99 -10.80
C ALA A 10 -16.62 -2.79 -10.51
N MET A 11 -16.76 -4.08 -10.19
CA MET A 11 -15.62 -5.00 -10.04
C MET A 11 -15.48 -5.92 -11.26
N GLU A 12 -15.63 -5.38 -12.47
CA GLU A 12 -15.57 -6.19 -13.69
C GLU A 12 -14.11 -6.48 -14.05
N ASN A 13 -13.40 -5.43 -14.47
CA ASN A 13 -12.01 -5.56 -14.94
C ASN A 13 -11.04 -5.20 -13.82
N GLU A 14 -10.98 -6.09 -12.83
CA GLU A 14 -10.24 -5.84 -11.57
C GLU A 14 -8.83 -6.47 -11.54
N GLU A 15 -8.55 -7.37 -12.48
CA GLU A 15 -7.17 -7.77 -12.77
C GLU A 15 -6.40 -6.70 -13.57
N TYR A 16 -7.13 -5.82 -14.26
CA TYR A 16 -6.52 -4.77 -15.09
C TYR A 16 -6.10 -3.56 -14.25
N TRP A 17 -5.03 -2.90 -14.68
CA TRP A 17 -4.50 -1.73 -13.95
C TRP A 17 -5.45 -0.54 -14.01
N ASP A 18 -6.02 -0.30 -15.20
CA ASP A 18 -7.07 0.70 -15.39
C ASP A 18 -8.36 0.17 -14.77
N PHE A 19 -8.49 0.35 -13.45
CA PHE A 19 -9.63 -0.12 -12.67
C PHE A 19 -10.20 1.07 -11.91
N ASP A 20 -11.51 1.28 -12.06
CA ASP A 20 -12.18 2.45 -11.48
C ASP A 20 -12.57 2.19 -10.02
N ILE A 21 -11.64 2.50 -9.11
CA ILE A 21 -11.83 2.32 -7.66
C ILE A 21 -12.90 3.27 -7.09
N PHE A 22 -13.06 4.44 -7.72
CA PHE A 22 -14.01 5.45 -7.23
C PHE A 22 -15.45 5.10 -7.61
N GLU A 23 -15.62 4.41 -8.74
CA GLU A 23 -16.92 3.83 -9.11
C GLU A 23 -17.33 2.72 -8.14
N LEU A 24 -16.35 1.94 -7.68
CA LEU A 24 -16.58 0.97 -6.59
C LEU A 24 -16.95 1.68 -5.30
N GLU A 25 -16.17 2.70 -4.94
CA GLU A 25 -16.41 3.53 -3.74
C GLU A 25 -17.80 4.14 -3.73
N ALA A 26 -18.21 4.70 -4.88
CA ALA A 26 -19.52 5.34 -5.03
C ALA A 26 -20.64 4.31 -4.93
N ALA A 27 -20.53 3.24 -5.71
CA ALA A 27 -21.50 2.15 -5.72
C ALA A 27 -21.67 1.49 -4.33
N THR A 28 -20.55 1.29 -3.64
CA THR A 28 -20.56 0.61 -2.34
C THR A 28 -20.86 1.52 -1.14
N HIS A 29 -20.94 2.83 -1.35
CA HIS A 29 -21.26 3.81 -0.30
C HIS A 29 -20.24 3.79 0.83
N ASN A 30 -18.99 4.07 0.46
CA ASN A 30 -17.83 4.06 1.36
C ASN A 30 -17.57 2.71 2.06
N ARG A 31 -17.85 1.62 1.36
CA ARG A 31 -17.55 0.26 1.84
C ARG A 31 -16.92 -0.64 0.75
N PRO A 32 -15.96 -0.12 -0.04
CA PRO A 32 -15.36 -0.91 -1.13
C PRO A 32 -14.39 -2.03 -0.70
N LEU A 33 -13.81 -1.93 0.50
CA LEU A 33 -12.77 -2.86 0.93
C LEU A 33 -13.29 -4.28 1.21
N ILE A 34 -14.50 -4.38 1.75
CA ILE A 34 -15.14 -5.68 1.96
C ILE A 34 -15.52 -6.35 0.63
N TYR A 35 -15.97 -5.55 -0.34
CA TYR A 35 -16.38 -6.10 -1.64
C TYR A 35 -15.19 -6.49 -2.52
N LEU A 36 -14.20 -5.60 -2.63
CA LEU A 36 -12.95 -5.92 -3.36
C LEU A 36 -12.09 -6.95 -2.62
N GLY A 37 -12.15 -6.96 -1.28
CA GLY A 37 -11.39 -7.88 -0.46
C GLY A 37 -11.82 -9.32 -0.62
N LEU A 38 -13.13 -9.56 -0.55
CA LEU A 38 -13.67 -10.93 -0.68
C LEU A 38 -13.33 -11.57 -2.02
N LYS A 39 -13.33 -10.78 -3.10
CA LYS A 39 -13.04 -11.30 -4.44
C LYS A 39 -11.55 -11.58 -4.62
N MET A 40 -10.71 -10.65 -4.16
CA MET A 40 -9.26 -10.83 -4.18
C MET A 40 -8.79 -11.99 -3.29
N PHE A 41 -9.37 -12.09 -2.09
CA PHE A 41 -9.03 -13.18 -1.16
C PHE A 41 -9.47 -14.54 -1.70
N ALA A 42 -10.63 -14.58 -2.36
CA ALA A 42 -11.13 -15.79 -3.02
C ALA A 42 -10.29 -16.18 -4.25
N ARG A 43 -9.79 -15.19 -4.98
CA ARG A 43 -8.93 -15.41 -6.15
C ARG A 43 -7.56 -15.94 -5.72
N PHE A 44 -7.01 -15.38 -4.64
CA PHE A 44 -5.72 -15.83 -4.09
C PHE A 44 -5.83 -17.05 -3.17
N GLY A 45 -7.05 -17.48 -2.85
CA GLY A 45 -7.30 -18.70 -2.08
C GLY A 45 -6.81 -18.60 -0.65
N ILE A 46 -7.12 -17.47 -0.01
CA ILE A 46 -6.50 -17.10 1.25
C ILE A 46 -7.15 -17.80 2.44
N CYS A 47 -8.48 -17.91 2.45
CA CYS A 47 -9.17 -18.66 3.52
C CYS A 47 -8.93 -20.18 3.43
N GLU A 48 -8.68 -20.68 2.22
CA GLU A 48 -8.24 -22.07 2.03
C GLU A 48 -6.85 -22.29 2.67
N PHE A 49 -5.98 -21.29 2.52
CA PHE A 49 -4.65 -21.28 3.14
C PHE A 49 -4.76 -21.11 4.66
N LEU A 50 -5.52 -20.10 5.09
CA LEU A 50 -5.70 -19.78 6.52
C LEU A 50 -6.64 -20.74 7.26
N HIS A 51 -7.40 -21.56 6.52
CA HIS A 51 -8.41 -22.49 7.08
C HIS A 51 -9.59 -21.75 7.74
N CYS A 52 -9.95 -20.58 7.22
CA CYS A 52 -11.12 -19.82 7.69
C CYS A 52 -12.34 -20.03 6.80
N SER A 53 -13.52 -19.76 7.36
CA SER A 53 -14.76 -19.71 6.59
C SER A 53 -14.93 -18.32 5.97
N GLU A 54 -15.86 -18.19 5.04
CA GLU A 54 -16.20 -16.90 4.42
C GLU A 54 -16.81 -15.94 5.43
N SER A 55 -17.63 -16.48 6.35
CA SER A 55 -18.26 -15.68 7.41
C SER A 55 -17.26 -14.99 8.33
N THR A 56 -16.16 -15.70 8.67
CA THR A 56 -15.07 -15.12 9.45
C THR A 56 -14.35 -14.01 8.67
N LEU A 57 -14.14 -14.23 7.38
CA LEU A 57 -13.50 -13.25 6.50
C LEU A 57 -14.38 -12.02 6.26
N ARG A 58 -15.68 -12.22 6.08
CA ARG A 58 -16.65 -11.11 5.97
C ARG A 58 -16.67 -10.23 7.22
N SER A 59 -16.74 -10.89 8.39
CA SER A 59 -16.69 -10.19 9.68
C SER A 59 -15.36 -9.46 9.89
N TRP A 60 -14.26 -10.09 9.44
CA TRP A 60 -12.93 -9.48 9.53
C TRP A 60 -12.77 -8.26 8.63
N LEU A 61 -13.31 -8.34 7.42
CA LEU A 61 -13.25 -7.21 6.47
C LEU A 61 -14.12 -6.04 6.91
N GLN A 62 -15.28 -6.32 7.50
CA GLN A 62 -16.19 -5.26 7.97
C GLN A 62 -15.64 -4.51 9.18
N ILE A 63 -15.13 -5.24 10.17
CA ILE A 63 -14.64 -4.62 11.42
C ILE A 63 -13.40 -3.75 11.20
N ILE A 64 -12.46 -4.19 10.36
CA ILE A 64 -11.29 -3.36 10.03
C ILE A 64 -11.68 -2.17 9.13
N GLU A 65 -12.56 -2.39 8.15
CA GLU A 65 -13.08 -1.32 7.29
C GLU A 65 -13.88 -0.28 8.08
N ALA A 66 -14.65 -0.74 9.07
CA ALA A 66 -15.38 0.14 9.99
C ALA A 66 -14.46 1.11 10.72
N ASN A 67 -13.27 0.62 11.11
CA ASN A 67 -12.27 1.45 11.80
C ASN A 67 -11.43 2.37 10.89
N TYR A 68 -11.65 2.32 9.57
CA TYR A 68 -11.16 3.38 8.67
C TYR A 68 -12.09 4.59 8.73
N HIS A 69 -11.50 5.78 8.71
CA HIS A 69 -12.22 7.04 8.93
C HIS A 69 -12.83 7.56 7.63
N SER A 70 -14.16 7.65 7.57
CA SER A 70 -14.87 8.27 6.44
C SER A 70 -14.53 9.75 6.27
N SER A 71 -14.33 10.44 7.40
CA SER A 71 -14.02 11.89 7.43
C SER A 71 -12.73 12.25 6.68
N ASN A 72 -11.72 11.39 6.74
CA ASN A 72 -10.46 11.61 6.02
C ASN A 72 -10.68 11.54 4.50
N PRO A 73 -10.20 12.56 3.74
CA PRO A 73 -10.31 12.51 2.28
C PRO A 73 -9.55 11.34 1.65
N TYR A 74 -8.27 11.22 1.98
CA TYR A 74 -7.37 10.21 1.39
C TYR A 74 -7.37 8.92 2.20
N HIS A 75 -6.95 9.01 3.46
CA HIS A 75 -6.72 7.83 4.30
C HIS A 75 -8.04 7.25 4.83
N ASN A 76 -8.70 6.50 3.96
CA ASN A 76 -9.95 5.80 4.25
C ASN A 76 -9.92 4.42 3.61
N SER A 77 -10.98 3.64 3.81
CA SER A 77 -11.07 2.26 3.26
C SER A 77 -10.81 2.15 1.75
N THR A 78 -11.14 3.19 0.99
CA THR A 78 -10.89 3.22 -0.47
C THR A 78 -9.41 3.28 -0.84
N HIS A 79 -8.61 3.94 0.00
CA HIS A 79 -7.15 3.93 -0.17
C HIS A 79 -6.57 2.54 0.02
N SER A 80 -6.94 1.88 1.11
CA SER A 80 -6.44 0.53 1.40
C SER A 80 -6.97 -0.54 0.46
N ALA A 81 -8.14 -0.32 -0.12
CA ALA A 81 -8.64 -1.14 -1.22
C ALA A 81 -7.84 -0.90 -2.50
N ASP A 82 -7.53 0.37 -2.77
CA ASP A 82 -6.67 0.76 -3.90
C ASP A 82 -5.26 0.17 -3.73
N VAL A 83 -4.74 0.21 -2.50
CA VAL A 83 -3.44 -0.39 -2.18
C VAL A 83 -3.52 -1.93 -2.23
N LEU A 84 -4.65 -2.50 -1.83
CA LEU A 84 -4.92 -3.94 -1.97
C LEU A 84 -4.92 -4.36 -3.44
N HIS A 85 -5.54 -3.53 -4.27
CA HIS A 85 -5.60 -3.76 -5.71
C HIS A 85 -4.20 -3.72 -6.34
N ALA A 86 -3.40 -2.72 -5.97
CA ALA A 86 -2.02 -2.59 -6.44
C ALA A 86 -1.13 -3.74 -5.96
N THR A 87 -1.34 -4.17 -4.71
CA THR A 87 -0.60 -5.29 -4.13
C THR A 87 -0.89 -6.60 -4.88
N ALA A 88 -2.18 -6.90 -5.02
CA ALA A 88 -2.63 -8.07 -5.78
C ALA A 88 -2.12 -8.08 -7.22
N TYR A 89 -2.14 -6.92 -7.86
CA TYR A 89 -1.61 -6.72 -9.23
C TYR A 89 -0.12 -7.04 -9.32
N PHE A 90 0.66 -6.62 -8.31
CA PHE A 90 2.10 -6.92 -8.28
C PHE A 90 2.38 -8.39 -8.02
N LEU A 91 1.60 -9.00 -7.13
CA LEU A 91 1.69 -10.45 -6.88
C LEU A 91 1.41 -11.27 -8.13
N SER A 92 0.46 -10.81 -8.94
CA SER A 92 0.12 -11.47 -10.22
C SER A 92 1.28 -11.46 -11.23
N LYS A 93 2.15 -10.45 -11.16
CA LYS A 93 3.32 -10.35 -12.05
C LYS A 93 4.22 -11.58 -11.97
N GLU A 94 4.81 -11.94 -13.11
CA GLU A 94 5.55 -13.20 -13.26
C GLU A 94 6.80 -13.26 -12.38
N ARG A 95 7.55 -12.16 -12.32
CA ARG A 95 8.71 -12.05 -11.44
C ARG A 95 8.35 -12.30 -9.97
N ILE A 96 7.25 -11.70 -9.52
CA ILE A 96 6.85 -11.79 -8.11
C ILE A 96 6.24 -13.17 -7.80
N LYS A 97 5.50 -13.74 -8.75
CA LYS A 97 4.89 -15.05 -8.56
C LYS A 97 5.95 -16.15 -8.38
N GLU A 98 6.98 -16.12 -9.22
CA GLU A 98 8.05 -17.13 -9.18
C GLU A 98 9.18 -16.82 -8.17
N THR A 99 9.25 -15.58 -7.67
CA THR A 99 10.21 -15.22 -6.62
C THR A 99 9.63 -15.54 -5.24
N LEU A 100 8.51 -14.91 -4.92
CA LEU A 100 7.87 -15.09 -3.61
C LEU A 100 7.11 -16.40 -3.52
N ASP A 101 6.80 -16.82 -2.30
CA ASP A 101 6.06 -18.05 -2.02
C ASP A 101 4.59 -17.73 -1.64
N PRO A 102 3.70 -18.74 -1.65
CA PRO A 102 2.29 -18.56 -1.27
C PRO A 102 2.02 -17.84 0.06
N ILE A 103 2.88 -18.04 1.06
CA ILE A 103 2.72 -17.36 2.37
C ILE A 103 2.95 -15.85 2.28
N ASP A 104 3.82 -15.42 1.37
CA ASP A 104 4.12 -14.00 1.15
C ASP A 104 2.95 -13.29 0.48
N GLU A 105 2.34 -13.94 -0.52
CA GLU A 105 1.11 -13.45 -1.16
C GLU A 105 0.03 -13.11 -0.14
N VAL A 106 -0.16 -13.98 0.84
CA VAL A 106 -1.18 -13.81 1.88
C VAL A 106 -0.77 -12.67 2.83
N ALA A 107 0.51 -12.63 3.19
CA ALA A 107 1.06 -11.57 4.04
C ALA A 107 0.87 -10.18 3.42
N ALA A 108 1.20 -10.07 2.14
CA ALA A 108 1.09 -8.80 1.42
C ALA A 108 -0.35 -8.31 1.30
N LEU A 109 -1.26 -9.22 0.95
CA LEU A 109 -2.68 -8.89 0.81
C LEU A 109 -3.31 -8.46 2.13
N ILE A 110 -3.00 -9.19 3.21
CA ILE A 110 -3.45 -8.81 4.56
C ILE A 110 -2.81 -7.48 4.97
N ALA A 111 -1.49 -7.36 4.79
CA ALA A 111 -0.75 -6.15 5.18
C ALA A 111 -1.30 -4.89 4.51
N ALA A 112 -1.53 -4.98 3.20
CA ALA A 112 -2.16 -3.90 2.43
C ALA A 112 -3.54 -3.51 2.98
N THR A 113 -4.37 -4.52 3.23
CA THR A 113 -5.72 -4.32 3.76
C THR A 113 -5.73 -3.49 5.06
N ILE A 114 -4.81 -3.78 5.97
CA ILE A 114 -4.77 -3.14 7.30
C ILE A 114 -3.80 -1.97 7.44
N HIS A 115 -3.06 -1.65 6.37
CA HIS A 115 -1.87 -0.79 6.48
C HIS A 115 -2.09 0.65 7.00
N ASP A 116 -3.31 1.18 6.90
CA ASP A 116 -3.64 2.50 7.44
C ASP A 116 -4.93 2.49 8.27
N VAL A 117 -5.17 1.41 9.02
CA VAL A 117 -6.40 1.28 9.82
C VAL A 117 -6.41 2.30 10.97
N ASP A 118 -7.55 2.98 11.14
CA ASP A 118 -7.71 4.05 12.14
C ASP A 118 -6.66 5.16 11.97
N HIS A 119 -6.45 5.57 10.72
CA HIS A 119 -5.57 6.68 10.38
C HIS A 119 -6.30 7.98 10.75
N PRO A 120 -5.67 8.87 11.55
CA PRO A 120 -6.35 10.08 12.00
C PRO A 120 -6.24 11.29 11.05
N GLY A 121 -6.00 11.05 9.76
CA GLY A 121 -5.77 12.12 8.78
C GLY A 121 -4.58 13.03 9.05
N ARG A 122 -3.60 12.51 9.79
CA ARG A 122 -2.47 13.31 10.28
C ARG A 122 -1.17 12.51 10.24
N THR A 123 -0.04 13.22 10.26
CA THR A 123 1.29 12.60 10.21
C THR A 123 1.79 12.25 11.60
N ASN A 124 2.84 11.43 11.67
CA ASN A 124 3.49 11.07 12.94
C ASN A 124 4.02 12.30 13.68
N SER A 125 4.67 13.21 12.95
CA SER A 125 5.25 14.42 13.53
C SER A 125 4.21 15.30 14.21
N PHE A 126 3.05 15.45 13.56
CA PHE A 126 1.91 16.16 14.14
C PHE A 126 1.49 15.58 15.48
N LEU A 127 1.37 14.26 15.54
CA LEU A 127 0.93 13.55 16.75
C LEU A 127 1.93 13.68 17.91
N CYS A 128 3.22 13.80 17.58
CA CYS A 128 4.26 14.07 18.59
C CYS A 128 4.18 15.54 19.06
N ASN A 129 4.05 16.47 18.13
CA ASN A 129 3.93 17.91 18.44
C ASN A 129 2.62 18.27 19.13
N ALA A 130 1.52 17.65 18.70
CA ALA A 130 0.20 17.87 19.31
C ALA A 130 0.00 17.15 20.63
N GLY A 131 0.92 16.25 21.01
CA GLY A 131 0.86 15.56 22.28
C GLY A 131 -0.22 14.50 22.30
N SER A 132 -0.18 13.62 21.29
CA SER A 132 -1.18 12.56 21.15
C SER A 132 -0.84 11.38 22.04
N GLU A 133 -1.89 10.66 22.47
CA GLU A 133 -1.76 9.48 23.31
C GLU A 133 -0.99 8.34 22.63
N LEU A 134 -1.04 8.29 21.29
CA LEU A 134 -0.25 7.31 20.53
C LEU A 134 1.23 7.65 20.48
N ALA A 135 1.57 8.94 20.46
CA ALA A 135 2.96 9.40 20.52
C ALA A 135 3.63 9.02 21.85
N ILE A 136 2.89 9.12 22.94
CA ILE A 136 3.35 8.68 24.26
C ILE A 136 3.45 7.16 24.30
N LEU A 137 2.40 6.48 23.84
CA LEU A 137 2.34 5.01 23.80
C LEU A 137 3.44 4.38 22.93
N TYR A 138 3.67 4.93 21.74
CA TYR A 138 4.68 4.43 20.81
C TYR A 138 5.99 5.24 20.78
N ASN A 139 6.16 6.15 21.75
CA ASN A 139 7.45 6.81 22.02
C ASN A 139 8.02 7.62 20.85
N ASP A 140 7.14 8.32 20.13
CA ASP A 140 7.51 9.15 18.96
C ASP A 140 8.20 8.40 17.82
N THR A 141 8.03 7.07 17.78
CA THR A 141 8.77 6.20 16.86
C THR A 141 7.79 5.29 16.15
N ALA A 142 7.63 5.50 14.84
CA ALA A 142 6.68 4.73 14.00
C ALA A 142 5.28 4.71 14.62
N VAL A 143 4.78 5.89 14.99
CA VAL A 143 3.58 6.01 15.84
C VAL A 143 2.36 5.39 15.16
N LEU A 144 2.07 5.82 13.94
CA LEU A 144 0.92 5.30 13.20
C LEU A 144 1.17 3.88 12.69
N GLU A 145 2.38 3.62 12.20
CA GLU A 145 2.75 2.31 11.63
C GLU A 145 2.62 1.18 12.66
N SER A 146 3.03 1.46 13.89
CA SER A 146 2.85 0.53 15.02
C SER A 146 1.38 0.41 15.38
N HIS A 147 0.68 1.53 15.44
CA HIS A 147 -0.75 1.57 15.76
C HIS A 147 -1.63 0.79 14.77
N HIS A 148 -1.31 0.87 13.48
CA HIS A 148 -2.11 0.21 12.44
C HIS A 148 -2.09 -1.30 12.60
N ALA A 149 -0.89 -1.85 12.65
CA ALA A 149 -0.69 -3.30 12.84
C ALA A 149 -1.20 -3.77 14.20
N ALA A 150 -0.92 -3.01 15.25
CA ALA A 150 -1.34 -3.35 16.63
C ALA A 150 -2.86 -3.39 16.77
N LEU A 151 -3.53 -2.35 16.29
CA LEU A 151 -4.99 -2.30 16.28
C LEU A 151 -5.56 -3.42 15.41
N ALA A 152 -4.97 -3.62 14.23
CA ALA A 152 -5.41 -4.68 13.32
C ALA A 152 -5.39 -6.07 13.94
N PHE A 153 -4.36 -6.34 14.74
CA PHE A 153 -4.27 -7.61 15.49
C PHE A 153 -5.10 -7.60 16.78
N GLN A 154 -5.30 -6.43 17.39
CA GLN A 154 -6.26 -6.27 18.50
C GLN A 154 -7.69 -6.60 18.06
N LEU A 155 -8.09 -6.09 16.91
CA LEU A 155 -9.43 -6.33 16.36
C LEU A 155 -9.61 -7.78 15.90
N THR A 156 -8.61 -8.35 15.23
CA THR A 156 -8.69 -9.69 14.65
C THR A 156 -8.79 -10.80 15.72
N THR A 157 -7.76 -10.88 16.55
CA THR A 157 -7.64 -11.99 17.52
C THR A 157 -8.55 -11.84 18.75
N GLY A 158 -8.89 -10.61 19.12
CA GLY A 158 -9.74 -10.34 20.28
C GLY A 158 -11.15 -10.88 20.23
N ASP A 159 -11.67 -11.14 19.04
CA ASP A 159 -13.01 -11.72 18.85
C ASP A 159 -12.92 -12.95 17.93
N ASP A 160 -13.64 -14.01 18.30
CA ASP A 160 -13.63 -15.27 17.54
C ASP A 160 -14.31 -15.15 16.17
N LYS A 161 -15.34 -14.30 16.07
CA LYS A 161 -15.99 -14.02 14.78
C LYS A 161 -15.07 -13.31 13.77
N CYS A 162 -14.11 -12.53 14.28
CA CYS A 162 -13.14 -11.80 13.43
C CYS A 162 -11.82 -12.55 13.21
N ASN A 163 -11.48 -13.48 14.11
CA ASN A 163 -10.16 -14.15 14.07
C ASN A 163 -9.99 -15.07 12.85
N ILE A 164 -9.43 -14.50 11.78
CA ILE A 164 -9.06 -15.28 10.58
C ILE A 164 -7.83 -16.19 10.78
N PHE A 165 -7.06 -16.00 11.86
CA PHE A 165 -5.84 -16.76 12.13
C PHE A 165 -6.04 -17.98 13.05
N LYS A 166 -7.28 -18.29 13.42
CA LYS A 166 -7.55 -19.19 14.56
C LYS A 166 -7.29 -20.67 14.28
N ASN A 167 -7.57 -21.12 13.06
CA ASN A 167 -7.41 -22.52 12.66
C ASN A 167 -6.04 -22.89 12.06
N MET A 168 -5.10 -21.94 12.02
CA MET A 168 -3.75 -22.20 11.49
C MET A 168 -2.88 -22.96 12.48
N GLU A 169 -1.72 -23.40 12.01
CA GLU A 169 -0.65 -23.88 12.90
C GLU A 169 -0.02 -22.68 13.60
N ARG A 170 0.36 -22.86 14.87
CA ARG A 170 0.95 -21.79 15.67
C ARG A 170 2.28 -21.26 15.08
N ASN A 171 3.11 -22.16 14.57
CA ASN A 171 4.37 -21.77 13.93
C ASN A 171 4.18 -21.06 12.60
N ASP A 172 3.18 -21.50 11.82
CA ASP A 172 2.82 -20.83 10.55
C ASP A 172 2.24 -19.43 10.76
N TYR A 173 1.47 -19.26 11.84
CA TYR A 173 0.88 -17.96 12.17
C TYR A 173 1.96 -16.94 12.54
N ARG A 174 2.94 -17.36 13.34
CA ARG A 174 4.06 -16.49 13.73
C ARG A 174 4.89 -16.01 12.53
N THR A 175 5.09 -16.91 11.56
CA THR A 175 5.79 -16.57 10.32
C THR A 175 4.97 -15.54 9.51
N LEU A 176 3.68 -15.81 9.35
CA LEU A 176 2.76 -14.90 8.65
C LEU A 176 2.57 -13.57 9.39
N ARG A 177 2.55 -13.62 10.72
CA ARG A 177 2.40 -12.42 11.57
C ARG A 177 3.61 -11.50 11.40
N GLN A 178 4.81 -12.06 11.48
CA GLN A 178 6.05 -11.31 11.30
C GLN A 178 6.16 -10.70 9.90
N GLY A 179 5.67 -11.43 8.89
CA GLY A 179 5.58 -10.92 7.53
C GLY A 179 4.67 -9.71 7.40
N ILE A 180 3.50 -9.77 8.03
CA ILE A 180 2.55 -8.65 8.03
C ILE A 180 3.14 -7.46 8.78
N ILE A 181 3.61 -7.70 10.01
CA ILE A 181 4.20 -6.65 10.85
C ILE A 181 5.35 -5.93 10.12
N ASP A 182 6.23 -6.69 9.48
CA ASP A 182 7.34 -6.13 8.71
C ASP A 182 6.87 -5.21 7.59
N MET A 183 5.88 -5.65 6.81
CA MET A 183 5.38 -4.87 5.68
C MET A 183 4.54 -3.65 6.09
N VAL A 184 3.79 -3.76 7.18
CA VAL A 184 3.05 -2.61 7.72
C VAL A 184 4.02 -1.55 8.25
N LEU A 185 5.04 -1.99 8.99
CA LEU A 185 6.09 -1.08 9.49
C LEU A 185 6.98 -0.51 8.37
N ALA A 186 7.12 -1.25 7.27
CA ALA A 186 7.88 -0.80 6.10
C ALA A 186 7.30 0.43 5.36
N THR A 187 6.05 0.79 5.65
CA THR A 187 5.38 1.93 4.98
C THR A 187 5.79 3.33 5.46
N GLU A 188 6.58 3.42 6.54
CA GLU A 188 7.02 4.72 7.08
C GLU A 188 7.87 5.52 6.11
N MET A 189 7.73 6.84 6.16
CA MET A 189 8.46 7.76 5.28
C MET A 189 9.97 7.77 5.56
N THR A 190 10.35 8.03 6.81
CA THR A 190 11.76 8.25 7.20
C THR A 190 12.77 7.21 6.71
N LYS A 191 12.33 5.96 6.52
CA LYS A 191 13.20 4.90 6.00
C LYS A 191 13.02 4.62 4.50
N HIS A 192 12.65 5.65 3.72
CA HIS A 192 12.41 5.48 2.28
C HIS A 192 13.69 5.09 1.55
N PHE A 193 14.68 5.98 1.58
CA PHE A 193 15.95 5.76 0.89
C PHE A 193 16.76 4.61 1.47
N GLU A 194 16.54 4.30 2.75
CA GLU A 194 17.13 3.11 3.38
C GLU A 194 16.68 1.83 2.66
N HIS A 195 15.37 1.70 2.46
CA HIS A 195 14.80 0.51 1.80
C HIS A 195 15.02 0.48 0.28
N VAL A 196 15.05 1.64 -0.37
CA VAL A 196 15.27 1.72 -1.82
C VAL A 196 16.72 1.42 -2.20
N ASN A 197 17.68 1.91 -1.40
CA ASN A 197 19.11 1.59 -1.61
C ASN A 197 19.36 0.09 -1.54
N LYS A 198 18.85 -0.53 -0.48
CA LYS A 198 18.94 -1.98 -0.30
C LYS A 198 18.39 -2.77 -1.48
N PHE A 199 17.27 -2.31 -2.04
CA PHE A 199 16.63 -3.00 -3.17
C PHE A 199 17.43 -2.94 -4.47
N VAL A 200 18.06 -1.79 -4.75
CA VAL A 200 18.92 -1.64 -5.93
C VAL A 200 20.22 -2.44 -5.76
N ASN A 201 20.82 -2.35 -4.57
CA ASN A 201 22.11 -3.00 -4.28
C ASN A 201 22.02 -4.52 -4.11
N SER A 202 21.00 -4.99 -3.40
CA SER A 202 20.85 -6.43 -3.11
C SER A 202 20.27 -7.25 -4.26
N ILE A 203 19.38 -6.64 -5.05
CA ILE A 203 18.62 -7.38 -6.07
C ILE A 203 19.01 -6.96 -7.48
N ASN A 204 18.76 -5.70 -7.84
CA ASN A 204 18.95 -5.23 -9.23
C ASN A 204 20.38 -5.30 -9.75
N LYS A 205 21.35 -4.89 -8.93
CA LYS A 205 22.77 -4.88 -9.35
C LYS A 205 23.35 -6.30 -9.55
N PRO A 206 23.17 -7.21 -8.56
CA PRO A 206 23.49 -8.62 -8.77
C PRO A 206 22.74 -9.31 -9.91
N LEU A 207 21.46 -8.99 -10.05
CA LEU A 207 20.62 -9.52 -11.15
C LEU A 207 21.08 -9.00 -12.52
N ALA A 208 21.53 -7.74 -12.56
CA ALA A 208 22.12 -7.15 -13.76
C ALA A 208 23.45 -7.79 -14.13
N THR A 209 24.24 -8.18 -13.13
CA THR A 209 25.49 -8.91 -13.33
C THR A 209 25.27 -10.31 -13.91
N LEU A 210 24.22 -10.99 -13.43
CA LEU A 210 23.85 -12.32 -13.91
C LEU A 210 23.39 -12.32 -15.37
N GLU A 211 22.52 -11.38 -15.72
CA GLU A 211 22.09 -11.18 -17.11
C GLU A 211 23.22 -10.68 -18.02
N GLU A 212 24.15 -9.90 -17.44
CA GLU A 212 25.34 -9.42 -18.17
C GLU A 212 26.30 -10.57 -18.51
N ASN A 213 26.51 -11.47 -17.55
CA ASN A 213 27.37 -12.65 -17.76
C ASN A 213 26.81 -13.60 -18.82
N GLY A 214 25.51 -13.83 -18.80
CA GLY A 214 24.83 -14.68 -19.79
C GLY A 214 23.40 -15.01 -19.42
N GLU A 215 22.98 -16.22 -19.77
CA GLU A 215 21.65 -16.73 -19.40
C GLU A 215 21.55 -18.25 -19.56
N THR A 216 22.49 -18.96 -18.92
CA THR A 216 22.54 -20.43 -18.98
C THR A 216 21.56 -21.05 -17.96
N ASP A 217 21.43 -22.37 -18.02
CA ASP A 217 20.56 -23.12 -17.10
C ASP A 217 21.11 -23.13 -15.66
N LYS A 218 22.42 -23.32 -15.53
CA LYS A 218 23.10 -23.29 -14.22
C LYS A 218 23.09 -21.89 -13.61
N ASN A 219 23.38 -20.88 -14.43
CA ASN A 219 23.30 -19.47 -14.03
C ASN A 219 21.89 -19.04 -13.59
N GLN A 220 20.87 -19.66 -14.20
CA GLN A 220 19.47 -19.43 -13.80
C GLN A 220 19.16 -19.86 -12.37
N GLU A 221 19.72 -20.98 -11.93
CA GLU A 221 19.55 -21.45 -10.55
C GLU A 221 20.22 -20.50 -9.53
N VAL A 222 21.38 -19.94 -9.89
CA VAL A 222 22.09 -18.98 -9.04
C VAL A 222 21.28 -17.68 -8.86
N ILE A 223 20.58 -17.27 -9.92
CA ILE A 223 19.67 -16.12 -9.87
C ILE A 223 18.46 -16.43 -8.98
N ASN A 224 17.90 -17.63 -9.13
CA ASN A 224 16.79 -18.08 -8.28
C ASN A 224 17.21 -18.26 -6.82
N THR A 225 18.39 -18.84 -6.61
CA THR A 225 18.95 -19.04 -5.26
C THR A 225 19.20 -17.71 -4.53
N MET A 226 19.67 -16.71 -5.26
CA MET A 226 19.98 -15.39 -4.69
C MET A 226 18.71 -14.65 -4.24
N LEU A 227 17.73 -14.56 -5.14
CA LEU A 227 16.50 -13.80 -4.88
C LEU A 227 15.58 -14.46 -3.85
N ARG A 228 15.44 -15.78 -3.93
CA ARG A 228 14.53 -16.52 -3.05
C ARG A 228 15.04 -16.71 -1.60
N THR A 229 16.27 -16.26 -1.30
CA THR A 229 16.75 -16.21 0.09
C THR A 229 15.79 -15.39 0.96
N PRO A 230 15.51 -15.84 2.20
CA PRO A 230 14.63 -15.11 3.13
C PRO A 230 14.91 -13.61 3.29
N GLU A 231 16.19 -13.22 3.25
CA GLU A 231 16.59 -11.82 3.38
C GLU A 231 16.12 -10.98 2.20
N ASN A 232 16.32 -11.49 0.99
CA ASN A 232 15.90 -10.79 -0.24
C ASN A 232 14.39 -10.82 -0.50
N ARG A 233 13.71 -11.89 -0.07
CA ARG A 233 12.24 -11.96 -0.17
C ARG A 233 11.56 -10.88 0.69
N THR A 234 12.12 -10.64 1.86
CA THR A 234 11.71 -9.54 2.74
C THR A 234 11.93 -8.17 2.07
N LEU A 235 13.10 -8.00 1.45
CA LEU A 235 13.43 -6.79 0.67
C LEU A 235 12.46 -6.52 -0.48
N ILE A 236 11.98 -7.58 -1.12
CA ILE A 236 11.02 -7.46 -2.23
C ILE A 236 9.62 -7.13 -1.69
N LYS A 237 9.23 -7.78 -0.60
CA LYS A 237 7.98 -7.47 0.11
C LYS A 237 7.91 -6.00 0.53
N ARG A 238 9.00 -5.47 1.08
CA ARG A 238 9.08 -4.06 1.45
C ARG A 238 8.93 -3.14 0.26
N MET A 239 9.62 -3.48 -0.84
CA MET A 239 9.53 -2.68 -2.06
C MET A 239 8.15 -2.79 -2.71
N LEU A 240 7.50 -3.96 -2.57
CA LEU A 240 6.16 -4.16 -3.11
C LEU A 240 5.11 -3.35 -2.34
N ILE A 241 5.11 -3.47 -1.01
CA ILE A 241 4.14 -2.74 -0.15
C ILE A 241 4.33 -1.22 -0.27
N LYS A 242 5.58 -0.78 -0.34
CA LYS A 242 5.90 0.65 -0.50
C LYS A 242 5.45 1.21 -1.85
N CYS A 243 5.65 0.44 -2.93
CA CYS A 243 5.22 0.85 -4.26
C CYS A 243 3.69 0.86 -4.40
N ALA A 244 3.05 -0.13 -3.81
CA ALA A 244 1.59 -0.19 -3.76
C ALA A 244 0.98 0.99 -3.01
N ASP A 245 1.58 1.33 -1.86
CA ASP A 245 1.13 2.44 -1.02
C ASP A 245 1.11 3.79 -1.75
N VAL A 246 2.04 4.00 -2.69
CA VAL A 246 2.13 5.26 -3.46
C VAL A 246 2.11 5.01 -4.97
N SER A 247 1.15 4.19 -5.43
CA SER A 247 0.99 3.89 -6.85
C SER A 247 0.08 4.86 -7.61
N ASN A 248 -0.49 5.84 -6.92
CA ASN A 248 -1.45 6.78 -7.54
C ASN A 248 -0.89 7.71 -8.64
N PRO A 249 0.40 8.12 -8.55
CA PRO A 249 0.99 8.78 -9.73
C PRO A 249 1.12 7.92 -11.00
N CYS A 250 1.10 6.59 -10.84
CA CYS A 250 1.15 5.65 -11.96
C CYS A 250 -0.24 5.16 -12.43
N ARG A 251 -1.31 5.83 -12.02
CA ARG A 251 -2.67 5.46 -12.43
C ARG A 251 -3.11 6.24 -13.67
N PRO A 252 -4.20 5.77 -14.34
CA PRO A 252 -4.91 6.56 -15.36
C PRO A 252 -5.25 7.96 -14.88
N LEU A 253 -5.01 8.96 -15.74
CA LEU A 253 -4.97 10.38 -15.36
C LEU A 253 -6.08 10.85 -14.42
N GLN A 254 -7.32 10.47 -14.72
CA GLN A 254 -8.47 10.84 -13.90
C GLN A 254 -8.34 10.39 -12.45
N TYR A 255 -7.77 9.20 -12.23
CA TYR A 255 -7.58 8.65 -10.89
C TYR A 255 -6.40 9.34 -10.17
N CYS A 256 -5.30 9.52 -10.89
CA CYS A 256 -4.13 10.26 -10.38
C CYS A 256 -4.49 11.62 -9.78
N ILE A 257 -5.28 12.39 -10.53
CA ILE A 257 -5.65 13.75 -10.13
C ILE A 257 -6.56 13.71 -8.90
N GLU A 258 -7.50 12.77 -8.87
CA GLU A 258 -8.39 12.58 -7.72
C GLU A 258 -7.60 12.25 -6.47
N TRP A 259 -6.64 11.32 -6.59
CA TRP A 259 -5.77 10.94 -5.48
C TRP A 259 -4.90 12.10 -4.98
N ALA A 260 -4.42 12.92 -5.91
CA ALA A 260 -3.58 14.08 -5.58
C ALA A 260 -4.35 15.13 -4.80
N ALA A 261 -5.59 15.38 -5.20
CA ALA A 261 -6.45 16.32 -4.50
C ALA A 261 -6.78 15.86 -3.08
N ARG A 262 -7.11 14.58 -2.93
CA ARG A 262 -7.46 13.98 -1.64
C ARG A 262 -6.35 14.08 -0.58
N ILE A 263 -5.14 13.68 -0.95
CA ILE A 263 -3.99 13.81 -0.05
C ILE A 263 -3.59 15.28 0.15
N SER A 264 -3.73 16.11 -0.89
CA SER A 264 -3.50 17.54 -0.75
C SER A 264 -4.46 18.18 0.25
N GLU A 265 -5.73 17.80 0.17
CA GLU A 265 -6.75 18.29 1.11
C GLU A 265 -6.46 17.87 2.56
N GLU A 266 -5.94 16.65 2.75
CA GLU A 266 -5.51 16.19 4.08
C GLU A 266 -4.40 17.05 4.64
N TYR A 267 -3.34 17.25 3.86
CA TYR A 267 -2.19 18.04 4.31
C TYR A 267 -2.55 19.50 4.59
N PHE A 268 -3.51 20.05 3.84
CA PHE A 268 -4.03 21.39 4.11
C PHE A 268 -4.81 21.42 5.43
N SER A 269 -5.65 20.42 5.63
CA SER A 269 -6.43 20.28 6.87
C SER A 269 -5.53 20.16 8.10
N GLN A 270 -4.42 19.45 7.98
CA GLN A 270 -3.41 19.39 9.05
C GLN A 270 -2.77 20.76 9.27
N THR A 271 -2.38 21.41 8.16
CA THR A 271 -1.72 22.72 8.20
C THR A 271 -2.59 23.80 8.83
N ASP A 272 -3.90 23.75 8.59
CA ASP A 272 -4.85 24.63 9.25
C ASP A 272 -4.85 24.47 10.78
N GLU A 273 -4.84 23.21 11.24
CA GLU A 273 -4.82 22.91 12.67
C GLU A 273 -3.47 23.21 13.31
N GLU A 274 -2.38 23.03 12.56
CA GLU A 274 -1.03 23.41 13.02
C GLU A 274 -0.93 24.92 13.28
N LYS A 275 -1.47 25.71 12.35
CA LYS A 275 -1.59 27.17 12.53
C LYS A 275 -2.55 27.52 13.68
N GLN A 276 -3.72 26.88 13.69
CA GLN A 276 -4.80 27.18 14.64
C GLN A 276 -4.37 26.94 16.09
N GLN A 277 -4.02 25.70 16.41
CA GLN A 277 -3.70 25.31 17.80
C GLN A 277 -2.39 25.90 18.33
N GLY A 278 -1.48 26.30 17.43
CA GLY A 278 -0.19 26.90 17.82
C GLY A 278 0.91 25.86 17.87
N LEU A 279 1.05 25.09 16.78
CA LEU A 279 2.02 24.01 16.68
C LEU A 279 3.14 24.40 15.70
N PRO A 280 4.29 23.70 15.74
CA PRO A 280 5.32 23.95 14.72
C PRO A 280 4.92 23.35 13.38
N VAL A 281 5.07 24.12 12.31
CA VAL A 281 4.62 23.69 10.97
C VAL A 281 5.66 22.76 10.35
N VAL A 282 5.44 21.46 10.49
CA VAL A 282 6.32 20.43 9.90
C VAL A 282 6.22 20.33 8.37
N MET A 283 5.08 20.75 7.81
CA MET A 283 4.84 20.71 6.37
C MET A 283 4.35 22.08 5.87
N PRO A 284 5.28 23.04 5.75
CA PRO A 284 4.92 24.43 5.40
C PRO A 284 4.46 24.63 3.95
N VAL A 285 5.06 23.92 3.00
CA VAL A 285 4.70 24.04 1.58
C VAL A 285 3.28 23.55 1.25
N PHE A 286 2.72 22.68 2.08
CA PHE A 286 1.35 22.16 1.91
C PHE A 286 0.34 23.02 2.66
N ASP A 287 0.10 24.23 2.16
CA ASP A 287 -0.92 25.14 2.68
C ASP A 287 -1.95 25.40 1.57
N ARG A 288 -3.24 25.42 1.94
CA ARG A 288 -4.32 25.68 0.98
C ARG A 288 -4.27 27.08 0.35
N ASN A 289 -3.68 28.04 1.06
CA ASN A 289 -3.58 29.42 0.58
C ASN A 289 -2.29 29.74 -0.20
N THR A 290 -1.36 28.78 -0.32
CA THR A 290 -0.15 28.95 -1.16
C THR A 290 0.28 27.77 -2.05
N CYS A 291 -0.15 26.55 -1.76
CA CYS A 291 0.34 25.36 -2.46
C CYS A 291 -0.22 25.24 -3.88
N SER A 292 0.68 25.18 -4.86
CA SER A 292 0.34 24.71 -6.20
C SER A 292 0.38 23.19 -6.17
N ILE A 293 -0.79 22.57 -6.33
CA ILE A 293 -0.89 21.11 -6.34
C ILE A 293 -0.17 20.52 -7.58
N PRO A 294 -0.33 21.14 -8.77
CA PRO A 294 0.43 20.66 -9.93
C PRO A 294 1.95 20.70 -9.80
N LYS A 295 2.48 21.74 -9.15
CA LYS A 295 3.92 21.82 -8.87
C LYS A 295 4.35 20.82 -7.78
N SER A 296 3.55 20.73 -6.72
CA SER A 296 3.84 19.79 -5.60
C SER A 296 3.90 18.35 -6.07
N GLN A 297 3.00 17.97 -6.97
CA GLN A 297 2.97 16.62 -7.55
C GLN A 297 4.21 16.31 -8.41
N ILE A 298 4.68 17.31 -9.16
CA ILE A 298 5.94 17.18 -9.91
C ILE A 298 7.10 16.92 -8.93
N SER A 299 7.17 17.72 -7.87
CA SER A 299 8.21 17.58 -6.85
C SER A 299 8.11 16.25 -6.11
N PHE A 300 6.88 15.84 -5.79
CA PHE A 300 6.61 14.53 -5.18
C PHE A 300 7.13 13.39 -6.05
N ILE A 301 6.81 13.43 -7.34
CA ILE A 301 7.25 12.41 -8.29
C ILE A 301 8.78 12.41 -8.43
N ASP A 302 9.38 13.59 -8.55
CA ASP A 302 10.83 13.73 -8.69
C ASP A 302 11.60 13.19 -7.49
N TYR A 303 11.20 13.59 -6.30
CA TYR A 303 11.99 13.32 -5.09
C TYR A 303 11.92 11.86 -4.62
N PHE A 304 10.73 11.25 -4.69
CA PHE A 304 10.49 9.90 -4.15
C PHE A 304 10.15 8.84 -5.21
N ILE A 305 9.11 9.12 -6.00
CA ILE A 305 8.46 8.10 -6.83
C ILE A 305 9.36 7.57 -7.94
N THR A 306 9.93 8.47 -8.75
CA THR A 306 10.60 8.11 -10.01
C THR A 306 11.75 7.12 -9.83
N ASP A 307 12.60 7.36 -8.85
CA ASP A 307 13.71 6.45 -8.55
C ASP A 307 13.22 5.12 -7.98
N MET A 308 12.16 5.16 -7.17
CA MET A 308 11.60 3.97 -6.52
C MET A 308 11.00 3.02 -7.55
N PHE A 309 10.12 3.55 -8.39
CA PHE A 309 9.49 2.77 -9.45
C PHE A 309 10.46 2.40 -10.57
N ASP A 310 11.55 3.16 -10.74
CA ASP A 310 12.62 2.77 -11.66
C ASP A 310 13.25 1.44 -11.24
N ALA A 311 13.60 1.33 -9.96
CA ALA A 311 14.14 0.08 -9.41
C ALA A 311 13.11 -1.06 -9.48
N TRP A 312 11.87 -0.76 -9.06
CA TRP A 312 10.78 -1.73 -9.05
C TRP A 312 10.35 -2.20 -10.45
N ASP A 313 10.35 -1.28 -11.40
CA ASP A 313 10.04 -1.59 -12.81
C ASP A 313 11.11 -2.49 -13.44
N ALA A 314 12.38 -2.17 -13.19
CA ALA A 314 13.50 -3.00 -13.67
C ALA A 314 13.37 -4.46 -13.22
N PHE A 315 12.85 -4.65 -12.01
CA PHE A 315 12.64 -5.98 -11.44
C PHE A 315 11.40 -6.67 -12.04
N VAL A 316 10.24 -6.01 -11.90
CA VAL A 316 8.94 -6.62 -12.22
C VAL A 316 8.48 -6.42 -13.67
N ASP A 317 8.92 -5.33 -14.30
CA ASP A 317 8.45 -4.89 -15.62
C ASP A 317 6.99 -4.42 -15.58
N LEU A 318 6.81 -3.12 -15.42
CA LEU A 318 5.49 -2.49 -15.29
C LEU A 318 5.32 -1.37 -16.33
N PRO A 319 5.24 -1.74 -17.62
CA PRO A 319 5.17 -0.74 -18.70
C PRO A 319 4.00 0.24 -18.60
N ASP A 320 2.83 -0.26 -18.19
CA ASP A 320 1.62 0.57 -18.09
C ASP A 320 1.76 1.64 -17.00
N LEU A 321 2.33 1.26 -15.86
CA LEU A 321 2.58 2.20 -14.76
C LEU A 321 3.56 3.30 -15.16
N MET A 322 4.65 2.91 -15.83
CA MET A 322 5.65 3.88 -16.29
C MET A 322 5.09 4.76 -17.40
N GLN A 323 4.31 4.16 -18.30
CA GLN A 323 3.58 4.90 -19.35
C GLN A 323 2.54 5.86 -18.76
N HIS A 324 1.88 5.47 -17.67
CA HIS A 324 0.96 6.36 -16.94
C HIS A 324 1.71 7.41 -16.11
N LEU A 325 2.85 7.02 -15.54
CA LEU A 325 3.70 7.95 -14.76
C LEU A 325 4.20 9.11 -15.62
N ASP A 326 4.70 8.81 -16.82
CA ASP A 326 5.16 9.83 -17.77
C ASP A 326 4.03 10.74 -18.24
N ASN A 327 2.86 10.15 -18.53
CA ASN A 327 1.69 10.91 -18.97
C ASN A 327 1.18 11.91 -17.93
N ASN A 328 1.08 11.46 -16.67
CA ASN A 328 0.64 12.31 -15.57
C ASN A 328 1.66 13.39 -15.23
N PHE A 329 2.94 13.04 -15.29
CA PHE A 329 4.04 14.01 -15.10
C PHE A 329 3.99 15.14 -16.14
N LYS A 330 3.66 14.77 -17.38
CA LYS A 330 3.48 15.75 -18.46
C LYS A 330 2.20 16.59 -18.30
N TYR A 331 1.13 15.98 -17.79
CA TYR A 331 -0.11 16.72 -17.50
C TYR A 331 0.12 17.77 -16.41
N TRP A 332 0.76 17.38 -15.30
CA TRP A 332 1.08 18.32 -14.21
C TRP A 332 1.97 19.48 -14.69
N LYS A 333 2.90 19.19 -15.60
CA LYS A 333 3.71 20.23 -16.27
C LYS A 333 2.84 21.15 -17.12
N GLY A 334 1.92 20.55 -17.88
CA GLY A 334 1.03 21.27 -18.78
C GLY A 334 0.12 22.35 -18.19
N LEU A 335 -0.10 22.32 -16.87
CA LEU A 335 -0.94 23.32 -16.18
C LEU A 335 -0.25 24.66 -15.86
N ASP A 336 0.93 24.93 -16.45
CA ASP A 336 1.54 26.26 -16.38
C ASP A 336 0.69 27.27 -17.18
N GLU A 337 0.60 27.05 -18.49
CA GLU A 337 -0.26 27.84 -19.39
C GLU A 337 -0.01 29.37 -19.44
N MET A 338 1.20 29.79 -19.06
CA MET A 338 1.58 31.21 -19.03
C MET A 338 3.04 31.38 -18.64
#